data_7ZE9
#
_entry.id   7ZE9
#
_cell.length_a   152.424
_cell.length_b   52.154
_cell.length_c   88.855
_cell.angle_alpha   90.000
_cell.angle_beta   105.666
_cell.angle_gamma   90.000
#
_symmetry.space_group_name_H-M   'C 1 2 1'
#
loop_
_entity.id
_entity.type
_entity.pdbx_description
1 polymer 'Chitin-binding type-4 domain-containing protein'
2 branched alpha-D-mannopyranose-(1-2)-alpha-D-mannopyranose-(1-3)-[alpha-D-mannopyranose-(1-3)-alpha-D-mannopyranose-(1-6)]beta-D-mannopyranose-(1-4)-2-acetamido-2-deoxy-beta-D-glucopyranose-(1-4)-2-acetamido-2-deoxy-beta-D-glucopyranose
3 branched beta-D-mannopyranose-(1-3)-[alpha-D-mannopyranose-(1-6)]beta-D-mannopyranose-(1-4)-2-acetamido-2-deoxy-beta-D-glucopyranose-(1-4)-2-acetamido-2-deoxy-beta-D-glucopyranose
4 non-polymer 2-acetamido-2-deoxy-beta-D-glucopyranose
5 non-polymer 'COPPER (II) ION'
6 non-polymer 'ACETATE ION'
7 water water
#
_entity_poly.entity_id   1
_entity_poly.type   'polypeptide(L)'
_entity_poly.pdbx_seq_one_letter_code
;MAKTLFRLVSFAAALSTVLG(HIC)AVVTVPTPRGAGPYYTQRCGETYAVYMEKDKAGPIENGVAKAGSELGCNPFLCRG
YQYEDNEAVEYEPGQVIDFHVDLIAGHHPGYANVSIVDLEANKIIGDPLRSWDDYPNATATTPRSDIDFNVTIPNTLGTA
CSTGGKCAIQWYWYASGNKQSYESCVDFYVKA
;
_entity_poly.pdbx_strand_id   AAA,BBB,CCC
#
loop_
_chem_comp.id
_chem_comp.type
_chem_comp.name
_chem_comp.formula
ACT non-polymer 'ACETATE ION' 'C2 H3 O2 -1'
BMA D-saccharide, beta linking beta-D-mannopyranose 'C6 H12 O6'
CU non-polymer 'COPPER (II) ION' 'Cu 2'
MAN D-saccharide, alpha linking alpha-D-mannopyranose 'C6 H12 O6'
NAG D-saccharide, beta linking 2-acetamido-2-deoxy-beta-D-glucopyranose 'C8 H15 N O6'
#
# COMPACT_ATOMS: atom_id res chain seq x y z
N HIC A 21 -10.41 10.30 19.09
CA HIC A 21 -11.63 10.06 18.25
C HIC A 21 -11.26 9.70 16.81
O HIC A 21 -10.73 10.53 16.08
CB HIC A 21 -12.56 11.27 18.29
CG HIC A 21 -13.38 11.29 19.54
ND1 HIC A 21 -12.76 11.22 20.78
CD2 HIC A 21 -14.74 11.34 19.70
CE1 HIC A 21 -13.73 11.25 21.65
NE2 HIC A 21 -14.97 11.34 21.05
CZ HIC A 21 -16.27 11.36 21.69
N ALA A 22 -11.57 8.46 16.41
CA ALA A 22 -11.29 8.03 15.05
C ALA A 22 -12.09 6.76 14.70
N VAL A 23 -12.26 6.54 13.39
CA VAL A 23 -13.02 5.40 12.81
C VAL A 23 -12.52 5.15 11.39
N VAL A 24 -12.46 3.89 10.96
CA VAL A 24 -12.16 3.43 9.57
C VAL A 24 -13.32 3.86 8.67
N THR A 25 -13.03 4.40 7.47
CA THR A 25 -14.06 4.74 6.44
C THR A 25 -13.86 3.89 5.19
N VAL A 26 -12.63 3.41 4.95
CA VAL A 26 -12.32 2.49 3.83
C VAL A 26 -11.44 1.36 4.33
N PRO A 27 -11.75 0.08 4.04
CA PRO A 27 -13.03 -0.28 3.41
C PRO A 27 -14.24 0.08 4.30
N THR A 28 -15.47 0.01 3.79
CA THR A 28 -16.67 0.26 4.62
C THR A 28 -16.70 -0.76 5.74
N PRO A 29 -16.60 -0.34 7.02
CA PRO A 29 -16.54 -1.29 8.13
C PRO A 29 -17.97 -1.64 8.60
N ARG A 30 -18.13 -2.56 9.55
CA ARG A 30 -19.47 -2.88 10.10
C ARG A 30 -20.08 -1.60 10.64
N GLY A 31 -21.39 -1.47 10.48
CA GLY A 31 -22.18 -0.35 11.02
C GLY A 31 -23.36 -0.85 11.81
N ALA A 32 -24.18 0.06 12.31
CA ALA A 32 -25.39 -0.26 13.10
C ALA A 32 -26.41 -1.03 12.23
N GLY A 33 -27.19 -1.89 12.86
CA GLY A 33 -28.38 -2.53 12.28
C GLY A 33 -29.27 -3.09 13.37
N PRO A 34 -30.35 -3.80 12.98
CA PRO A 34 -31.31 -4.38 13.92
C PRO A 34 -30.70 -5.27 15.01
N TYR A 35 -29.83 -6.21 14.67
CA TYR A 35 -29.23 -7.14 15.66
C TYR A 35 -28.38 -6.34 16.65
N TYR A 36 -27.73 -5.27 16.21
CA TYR A 36 -26.91 -4.38 17.05
C TYR A 36 -27.76 -3.81 18.19
N THR A 37 -28.90 -3.20 17.84
CA THR A 37 -29.82 -2.57 18.81
C THR A 37 -30.40 -3.67 19.70
N GLN A 38 -30.79 -4.83 19.11
CA GLN A 38 -31.40 -5.94 19.87
C GLN A 38 -30.39 -6.47 20.88
N ARG A 39 -29.14 -6.68 20.47
CA ARG A 39 -28.18 -7.46 21.31
C ARG A 39 -27.43 -6.56 22.28
N CYS A 40 -27.08 -5.32 21.90
CA CYS A 40 -26.34 -4.38 22.78
C CYS A 40 -27.34 -3.61 23.66
N GLY A 41 -28.54 -3.36 23.16
CA GLY A 41 -29.57 -2.58 23.89
C GLY A 41 -29.61 -1.15 23.39
N GLU A 42 -30.74 -0.47 23.60
CA GLU A 42 -31.01 0.90 23.09
C GLU A 42 -29.95 1.86 23.66
N THR A 43 -29.58 1.71 24.92
CA THR A 43 -28.71 2.69 25.59
C THR A 43 -27.35 2.70 24.89
N TYR A 44 -26.69 1.54 24.77
CA TYR A 44 -25.39 1.42 24.06
C TYR A 44 -25.52 1.87 22.61
N ALA A 45 -26.45 1.31 21.85
CA ALA A 45 -26.64 1.59 20.39
C ALA A 45 -26.84 3.10 20.18
N VAL A 46 -27.67 3.75 20.99
CA VAL A 46 -28.03 5.18 20.77
C VAL A 46 -26.80 6.03 21.11
N TYR A 47 -26.16 5.77 22.24
CA TYR A 47 -24.99 6.59 22.68
C TYR A 47 -23.87 6.48 21.64
N MET A 48 -23.59 5.26 21.19
CA MET A 48 -22.43 4.99 20.31
C MET A 48 -22.71 5.47 18.89
N GLU A 49 -23.95 5.69 18.47
CA GLU A 49 -24.24 6.14 17.08
C GLU A 49 -24.29 7.68 17.00
N LYS A 50 -24.52 8.39 18.12
CA LYS A 50 -24.38 9.87 18.15
C LYS A 50 -22.95 10.28 17.78
N ASP A 51 -21.94 9.42 17.95
CA ASP A 51 -20.52 9.68 17.55
C ASP A 51 -19.82 8.36 17.20
N LYS A 52 -19.86 7.99 15.93
CA LYS A 52 -19.34 6.68 15.43
C LYS A 52 -17.82 6.62 15.65
N ALA A 53 -17.20 7.74 16.09
CA ALA A 53 -15.74 7.89 16.29
C ALA A 53 -15.40 7.93 17.78
N GLY A 54 -16.41 7.94 18.65
CA GLY A 54 -16.22 7.94 20.10
C GLY A 54 -15.57 6.64 20.60
N PRO A 55 -14.94 6.69 21.78
CA PRO A 55 -14.43 5.47 22.41
C PRO A 55 -15.52 4.54 22.99
N ILE A 56 -15.13 3.33 23.36
CA ILE A 56 -16.09 2.23 23.70
C ILE A 56 -16.52 2.40 25.17
N GLU A 57 -15.56 2.72 26.03
CA GLU A 57 -15.69 2.74 27.52
C GLU A 57 -16.89 3.61 27.91
N ASN A 58 -17.07 4.72 27.24
CA ASN A 58 -18.13 5.70 27.56
C ASN A 58 -19.51 5.07 27.31
N GLY A 59 -19.61 4.22 26.29
CA GLY A 59 -20.87 3.53 25.95
C GLY A 59 -21.15 2.40 26.92
N VAL A 60 -20.11 1.68 27.32
CA VAL A 60 -20.18 0.61 28.33
C VAL A 60 -20.70 1.21 29.63
N ALA A 61 -20.10 2.33 30.06
CA ALA A 61 -20.45 3.03 31.31
C ALA A 61 -21.92 3.47 31.27
N LYS A 62 -22.36 4.14 30.20
CA LYS A 62 -23.76 4.60 30.05
C LYS A 62 -24.70 3.39 30.09
N ALA A 63 -24.36 2.30 29.40
CA ALA A 63 -25.26 1.14 29.26
C ALA A 63 -25.41 0.45 30.62
N GLY A 64 -24.35 0.44 31.43
CA GLY A 64 -24.28 -0.41 32.64
C GLY A 64 -24.79 -1.83 32.38
N SER A 65 -25.73 -2.32 33.20
CA SER A 65 -26.25 -3.70 33.21
C SER A 65 -27.20 -3.99 32.03
N GLU A 66 -27.57 -2.99 31.21
CA GLU A 66 -28.43 -3.15 30.00
C GLU A 66 -27.64 -3.86 28.89
N LEU A 67 -26.33 -3.62 28.82
CA LEU A 67 -25.43 -4.10 27.75
C LEU A 67 -25.50 -5.63 27.63
N GLY A 68 -25.68 -6.16 26.41
CA GLY A 68 -25.76 -7.60 26.12
C GLY A 68 -24.88 -8.07 24.97
N CYS A 69 -23.98 -7.24 24.45
CA CYS A 69 -23.00 -7.64 23.40
C CYS A 69 -21.59 -7.50 23.99
N ASN A 70 -20.55 -7.93 23.27
CA ASN A 70 -19.13 -7.62 23.60
C ASN A 70 -18.71 -6.36 22.84
N PRO A 71 -18.70 -5.16 23.48
CA PRO A 71 -18.36 -3.93 22.77
C PRO A 71 -16.86 -3.83 22.46
N PHE A 72 -16.04 -4.75 22.98
CA PHE A 72 -14.60 -4.80 22.66
C PHE A 72 -14.32 -5.78 21.52
N LEU A 73 -15.36 -6.22 20.82
CA LEU A 73 -15.25 -6.96 19.54
C LEU A 73 -16.10 -6.23 18.49
N CYS A 74 -15.45 -5.50 17.61
CA CYS A 74 -16.08 -4.77 16.48
C CYS A 74 -16.98 -3.67 17.00
N ARG A 75 -16.64 -3.09 18.15
CA ARG A 75 -17.41 -2.00 18.77
C ARG A 75 -18.83 -2.47 19.11
N GLY A 76 -19.09 -3.78 19.13
CA GLY A 76 -20.42 -4.35 19.37
C GLY A 76 -21.27 -4.49 18.11
N TYR A 77 -20.77 -4.05 16.95
CA TYR A 77 -21.45 -4.27 15.65
C TYR A 77 -21.55 -5.78 15.43
N GLN A 78 -22.57 -6.22 14.70
CA GLN A 78 -22.92 -7.67 14.59
C GLN A 78 -22.82 -8.14 13.14
N TYR A 79 -22.25 -9.33 12.92
CA TYR A 79 -22.15 -9.91 11.56
C TYR A 79 -23.50 -9.83 10.82
N GLU A 80 -24.59 -10.32 11.42
CA GLU A 80 -25.90 -10.45 10.71
C GLU A 80 -26.37 -9.09 10.18
N ASP A 81 -25.88 -7.97 10.68
CA ASP A 81 -26.30 -6.63 10.18
C ASP A 81 -25.45 -6.27 8.96
N ASN A 82 -24.36 -6.98 8.65
CA ASN A 82 -23.36 -6.59 7.61
C ASN A 82 -23.12 -7.76 6.65
N GLU A 83 -22.37 -7.52 5.56
CA GLU A 83 -22.00 -8.58 4.58
C GLU A 83 -20.49 -8.63 4.44
N ALA A 84 -19.95 -9.85 4.38
CA ALA A 84 -18.50 -10.16 4.20
C ALA A 84 -18.12 -10.04 2.72
N VAL A 85 -16.99 -9.43 2.41
CA VAL A 85 -16.47 -9.20 1.04
C VAL A 85 -15.45 -10.31 0.72
N GLU A 86 -15.25 -10.68 -0.55
CA GLU A 86 -14.28 -11.78 -0.89
C GLU A 86 -12.90 -11.20 -1.22
N TYR A 87 -11.86 -11.73 -0.54
CA TYR A 87 -10.43 -11.37 -0.70
C TYR A 87 -9.65 -12.64 -1.05
N GLU A 88 -8.58 -12.45 -1.84
CA GLU A 88 -7.66 -13.53 -2.30
C GLU A 88 -6.42 -13.54 -1.41
N PRO A 89 -5.80 -14.72 -1.17
CA PRO A 89 -4.54 -14.77 -0.44
C PRO A 89 -3.54 -13.82 -1.11
N GLY A 90 -2.79 -13.05 -0.31
CA GLY A 90 -1.77 -12.10 -0.78
C GLY A 90 -2.35 -10.81 -1.34
N GLN A 91 -3.68 -10.66 -1.36
CA GLN A 91 -4.36 -9.42 -1.81
C GLN A 91 -4.01 -8.27 -0.86
N VAL A 92 -3.80 -7.07 -1.40
CA VAL A 92 -3.45 -5.85 -0.63
C VAL A 92 -4.72 -4.97 -0.54
N ILE A 93 -5.10 -4.58 0.68
CA ILE A 93 -6.33 -3.75 0.92
C ILE A 93 -5.91 -2.39 1.48
N ASP A 94 -6.25 -1.30 0.79
CA ASP A 94 -6.01 0.08 1.30
C ASP A 94 -7.03 0.36 2.42
N PHE A 95 -6.56 0.88 3.55
CA PHE A 95 -7.38 1.41 4.67
C PHE A 95 -7.26 2.94 4.71
N HIS A 96 -8.36 3.60 5.06
CA HIS A 96 -8.37 5.04 5.44
C HIS A 96 -9.10 5.14 6.78
N VAL A 97 -8.47 5.86 7.70
CA VAL A 97 -8.96 6.13 9.08
C VAL A 97 -9.27 7.61 9.14
N ASP A 98 -10.53 7.94 9.44
CA ASP A 98 -11.02 9.33 9.62
C ASP A 98 -10.67 9.67 11.06
N LEU A 99 -9.66 10.53 11.28
CA LEU A 99 -9.12 10.86 12.62
C LEU A 99 -9.71 12.21 13.06
N ILE A 100 -10.70 12.22 13.94
CA ILE A 100 -11.37 13.47 14.42
C ILE A 100 -10.48 14.14 15.46
N ALA A 101 -9.85 13.39 16.35
CA ALA A 101 -9.03 13.93 17.47
C ALA A 101 -7.91 12.95 17.79
N GLY A 102 -6.66 13.40 17.68
CA GLY A 102 -5.49 12.59 18.08
C GLY A 102 -5.30 12.63 19.59
N HIS A 103 -4.86 11.52 20.16
CA HIS A 103 -4.56 11.36 21.60
C HIS A 103 -3.17 10.74 21.73
N HIS A 104 -2.37 11.24 22.67
CA HIS A 104 -0.97 10.79 22.92
C HIS A 104 -0.80 10.62 24.42
N PRO A 105 -0.15 9.54 24.90
CA PRO A 105 0.37 8.46 24.06
C PRO A 105 -0.70 7.38 23.79
N GLY A 106 -0.31 6.32 23.08
CA GLY A 106 -1.24 5.26 22.65
C GLY A 106 -0.63 4.37 21.59
N TYR A 107 -1.23 3.21 21.34
CA TYR A 107 -0.77 2.21 20.35
C TYR A 107 -1.98 1.66 19.59
N ALA A 108 -1.73 1.05 18.44
CA ALA A 108 -2.79 0.47 17.59
C ALA A 108 -2.26 -0.79 16.91
N ASN A 109 -3.16 -1.68 16.53
CA ASN A 109 -2.84 -2.75 15.58
C ASN A 109 -4.06 -3.01 14.71
N VAL A 110 -3.83 -3.61 13.54
CA VAL A 110 -4.85 -4.13 12.60
C VAL A 110 -4.49 -5.60 12.42
N SER A 111 -5.41 -6.49 12.77
CA SER A 111 -5.17 -7.94 12.88
C SER A 111 -6.39 -8.65 12.36
N ILE A 112 -6.24 -9.92 11.97
CA ILE A 112 -7.38 -10.80 11.59
C ILE A 112 -7.82 -11.47 12.87
N VAL A 113 -9.08 -11.24 13.27
CA VAL A 113 -9.63 -11.90 14.48
C VAL A 113 -10.61 -12.98 14.01
N ASP A 114 -10.49 -14.13 14.68
CA ASP A 114 -11.49 -15.24 14.71
C ASP A 114 -12.67 -14.79 15.57
N LEU A 115 -13.81 -14.53 14.93
CA LEU A 115 -15.01 -13.90 15.56
C LEU A 115 -15.63 -14.83 16.61
N GLU A 116 -15.51 -16.16 16.46
CA GLU A 116 -16.19 -17.12 17.35
C GLU A 116 -15.45 -17.21 18.69
N ALA A 117 -14.12 -17.10 18.69
CA ALA A 117 -13.27 -17.18 19.90
C ALA A 117 -12.85 -15.78 20.41
N ASN A 118 -12.93 -14.75 19.55
CA ASN A 118 -12.42 -13.38 19.84
C ASN A 118 -10.90 -13.39 20.03
N LYS A 119 -10.18 -14.23 19.28
CA LYS A 119 -8.69 -14.37 19.33
C LYS A 119 -8.15 -14.02 17.95
N ILE A 120 -6.96 -13.42 17.92
CA ILE A 120 -6.24 -13.06 16.66
C ILE A 120 -5.69 -14.33 16.01
N ILE A 121 -5.81 -14.40 14.69
CA ILE A 121 -5.21 -15.45 13.81
C ILE A 121 -3.84 -14.95 13.31
N GLY A 122 -2.77 -15.70 13.62
CA GLY A 122 -1.41 -15.35 13.21
C GLY A 122 -0.94 -14.03 13.81
N ASP A 123 -0.23 -13.22 13.03
CA ASP A 123 0.44 -11.99 13.52
C ASP A 123 -0.43 -10.80 13.17
N PRO A 124 -0.23 -9.65 13.84
CA PRO A 124 -0.83 -8.39 13.37
C PRO A 124 -0.42 -8.15 11.91
N LEU A 125 -1.36 -7.79 11.07
CA LEU A 125 -1.06 -7.29 9.70
C LEU A 125 -0.33 -5.93 9.77
N ARG A 126 -0.56 -5.16 10.82
CA ARG A 126 0.14 -3.86 11.04
C ARG A 126 0.06 -3.49 12.53
N SER A 127 1.16 -2.94 13.02
CA SER A 127 1.39 -2.62 14.45
C SER A 127 2.02 -1.23 14.52
N TRP A 128 1.50 -0.35 15.36
CA TRP A 128 2.14 0.94 15.74
C TRP A 128 2.36 0.91 17.25
N ASP A 129 3.58 1.17 17.69
CA ASP A 129 3.95 1.33 19.13
C ASP A 129 3.56 2.73 19.58
N ASP A 130 3.45 3.69 18.67
CA ASP A 130 2.96 5.06 18.95
C ASP A 130 1.90 5.44 17.91
N TYR A 131 0.65 5.66 18.33
CA TYR A 131 -0.48 5.95 17.41
C TYR A 131 -1.35 7.01 18.07
N PRO A 132 -1.88 8.00 17.30
CA PRO A 132 -1.43 8.25 15.92
C PRO A 132 -0.07 8.98 15.91
N ASN A 133 0.37 9.45 14.74
CA ASN A 133 1.57 10.33 14.60
C ASN A 133 1.12 11.76 14.30
N ARG A 140 1.74 10.33 6.24
CA ARG A 140 0.84 9.79 7.29
C ARG A 140 0.58 8.30 7.04
N SER A 141 1.45 7.44 7.54
CA SER A 141 1.32 5.95 7.44
C SER A 141 0.41 5.41 8.55
N ASP A 142 -0.34 6.27 9.24
CA ASP A 142 -1.18 5.91 10.42
C ASP A 142 -2.67 6.03 10.06
N ILE A 143 -3.06 7.04 9.27
CA ILE A 143 -4.48 7.23 8.80
C ILE A 143 -4.64 6.65 7.39
N ASP A 144 -3.59 6.62 6.58
CA ASP A 144 -3.67 6.04 5.21
C ASP A 144 -2.64 4.92 5.14
N PHE A 145 -3.06 3.67 5.18
CA PHE A 145 -2.13 2.52 5.21
C PHE A 145 -2.74 1.38 4.41
N ASN A 146 -2.00 0.30 4.17
CA ASN A 146 -2.55 -0.96 3.57
C ASN A 146 -2.13 -2.16 4.44
N VAL A 147 -2.71 -3.31 4.13
CA VAL A 147 -2.45 -4.63 4.77
C VAL A 147 -2.58 -5.69 3.69
N THR A 148 -1.90 -6.81 3.89
CA THR A 148 -1.86 -7.95 2.94
C THR A 148 -2.54 -9.15 3.60
N ILE A 149 -3.45 -9.82 2.89
CA ILE A 149 -4.03 -11.11 3.36
C ILE A 149 -2.92 -12.15 3.33
N PRO A 150 -2.64 -12.88 4.44
CA PRO A 150 -1.71 -14.01 4.41
C PRO A 150 -2.06 -15.09 3.37
N ASN A 151 -1.14 -16.04 3.14
CA ASN A 151 -1.37 -17.28 2.32
C ASN A 151 -1.67 -18.44 3.26
N THR A 152 -1.43 -18.24 4.56
CA THR A 152 -1.32 -19.26 5.63
C THR A 152 -2.64 -19.41 6.40
N LEU A 153 -3.78 -18.93 5.87
CA LEU A 153 -5.06 -18.89 6.63
C LEU A 153 -5.75 -20.25 6.69
N GLY A 154 -5.47 -21.18 5.77
CA GLY A 154 -6.08 -22.51 5.72
C GLY A 154 -7.55 -22.42 5.32
N THR A 155 -8.43 -23.03 6.09
CA THR A 155 -9.91 -23.00 5.89
C THR A 155 -10.54 -22.02 6.89
N ALA A 156 -9.73 -21.40 7.75
CA ALA A 156 -10.17 -20.66 8.96
C ALA A 156 -11.12 -19.52 8.60
N CYS A 157 -11.01 -18.94 7.40
CA CYS A 157 -11.85 -17.79 6.96
C CYS A 157 -12.60 -18.12 5.68
N SER A 158 -12.93 -19.40 5.49
CA SER A 158 -13.48 -19.98 4.24
C SER A 158 -14.83 -19.35 3.88
N THR A 159 -15.62 -18.89 4.86
CA THR A 159 -16.99 -18.34 4.63
C THR A 159 -17.26 -17.12 5.51
N GLY A 160 -18.25 -16.32 5.11
CA GLY A 160 -18.68 -15.11 5.82
C GLY A 160 -18.89 -15.40 7.30
N GLY A 161 -18.55 -14.44 8.17
CA GLY A 161 -18.87 -14.49 9.60
C GLY A 161 -17.92 -15.39 10.39
N LYS A 162 -16.82 -15.84 9.81
CA LYS A 162 -15.80 -16.61 10.59
C LYS A 162 -14.63 -15.69 10.98
N CYS A 163 -14.24 -14.75 10.10
CA CYS A 163 -13.16 -13.77 10.40
C CYS A 163 -13.58 -12.33 10.05
N ALA A 164 -12.89 -11.38 10.67
CA ALA A 164 -12.88 -9.95 10.30
C ALA A 164 -11.48 -9.37 10.50
N ILE A 165 -11.19 -8.29 9.77
CA ILE A 165 -10.02 -7.41 10.01
C ILE A 165 -10.46 -6.32 11.00
N GLN A 166 -9.92 -6.36 12.23
CA GLN A 166 -10.20 -5.38 13.30
C GLN A 166 -9.06 -4.37 13.35
N TRP A 167 -9.39 -3.09 13.13
CA TRP A 167 -8.54 -1.94 13.50
C TRP A 167 -8.82 -1.63 14.97
N TYR A 168 -7.79 -1.62 15.80
CA TYR A 168 -7.91 -1.37 17.25
C TYR A 168 -6.92 -0.29 17.65
N TRP A 169 -7.38 0.77 18.33
CA TRP A 169 -6.52 1.86 18.85
C TRP A 169 -6.80 2.05 20.34
N TYR A 170 -5.78 1.92 21.17
CA TYR A 170 -5.84 2.26 22.61
C TYR A 170 -5.09 3.58 22.84
N ALA A 171 -5.84 4.61 23.24
CA ALA A 171 -5.31 5.90 23.70
C ALA A 171 -4.96 5.77 25.20
N SER A 172 -3.78 5.22 25.52
CA SER A 172 -3.33 4.99 26.92
C SER A 172 -3.47 6.28 27.76
N GLY A 173 -3.12 7.44 27.21
CA GLY A 173 -3.30 8.74 27.89
C GLY A 173 -4.71 8.89 28.46
N ASN A 174 -5.75 8.50 27.72
CA ASN A 174 -7.18 8.69 28.08
C ASN A 174 -7.88 7.38 28.49
N LYS A 175 -7.17 6.25 28.49
CA LYS A 175 -7.71 4.88 28.70
C LYS A 175 -8.99 4.73 27.87
N GLN A 176 -8.84 4.95 26.57
CA GLN A 176 -9.93 4.95 25.56
C GLN A 176 -9.59 3.91 24.49
N SER A 177 -10.60 3.14 24.07
CA SER A 177 -10.51 2.07 23.04
C SER A 177 -11.35 2.46 21.82
N TYR A 178 -10.75 2.38 20.65
CA TYR A 178 -11.42 2.63 19.36
C TYR A 178 -11.32 1.36 18.51
N GLU A 179 -12.42 0.94 17.86
CA GLU A 179 -12.46 -0.30 17.01
C GLU A 179 -13.32 -0.07 15.76
N SER A 180 -12.89 -0.65 14.65
CA SER A 180 -13.71 -0.89 13.44
C SER A 180 -13.35 -2.27 12.86
N CYS A 181 -14.34 -2.91 12.22
CA CYS A 181 -14.27 -4.29 11.66
C CYS A 181 -14.62 -4.26 10.18
N VAL A 182 -13.99 -5.14 9.41
CA VAL A 182 -14.30 -5.46 7.98
C VAL A 182 -14.50 -6.98 7.90
N ASP A 183 -15.74 -7.43 7.69
CA ASP A 183 -15.99 -8.88 7.49
C ASP A 183 -15.47 -9.26 6.11
N PHE A 184 -14.83 -10.41 6.02
CA PHE A 184 -14.33 -10.98 4.74
C PHE A 184 -14.30 -12.51 4.84
N TYR A 185 -14.22 -13.16 3.67
CA TYR A 185 -13.86 -14.59 3.52
C TYR A 185 -12.81 -14.71 2.42
N VAL A 186 -12.00 -15.77 2.51
CA VAL A 186 -11.02 -16.27 1.51
C VAL A 186 -11.41 -17.72 1.22
N LYS A 187 -11.65 -18.09 -0.05
CA LYS A 187 -12.00 -19.47 -0.46
C LYS A 187 -10.77 -20.37 -0.30
N ALA A 188 -10.91 -21.48 0.44
CA ALA A 188 -9.80 -22.30 1.01
C ALA A 188 -9.45 -23.47 0.10
N HIC B 21 30.94 14.31 9.48
CA HIC B 21 29.54 14.33 10.03
C HIC B 21 28.52 14.50 8.91
O HIC B 21 28.51 15.53 8.22
CB HIC B 21 29.35 15.44 11.07
CG HIC B 21 29.91 15.13 12.40
ND1 HIC B 21 31.25 14.78 12.53
CD2 HIC B 21 29.31 15.07 13.62
CE1 HIC B 21 31.42 14.56 13.81
NE2 HIC B 21 30.29 14.74 14.53
CZ HIC B 21 30.12 14.58 15.97
N ALA B 22 27.64 13.51 8.73
CA ALA B 22 26.59 13.60 7.74
C ALA B 22 25.52 12.54 8.00
N VAL B 23 24.36 12.69 7.35
CA VAL B 23 23.20 11.75 7.51
C VAL B 23 22.25 11.90 6.32
N VAL B 24 21.64 10.81 5.86
CA VAL B 24 20.55 10.83 4.83
C VAL B 24 19.33 11.54 5.43
N THR B 25 18.63 12.39 4.65
CA THR B 25 17.33 13.00 5.03
C THR B 25 16.25 12.54 4.04
N VAL B 26 16.60 12.17 2.81
CA VAL B 26 15.59 11.73 1.80
C VAL B 26 16.15 10.53 1.08
N PRO B 27 15.43 9.40 0.97
CA PRO B 27 14.17 9.20 1.68
C PRO B 27 14.39 9.18 3.20
N THR B 28 13.31 9.32 3.97
CA THR B 28 13.37 9.32 5.45
C THR B 28 14.01 8.01 5.89
N PRO B 29 15.19 8.04 6.57
CA PRO B 29 15.90 6.83 6.95
C PRO B 29 15.38 6.28 8.28
N ARG B 30 15.82 5.10 8.73
CA ARG B 30 15.48 4.62 10.09
C ARG B 30 15.91 5.70 11.08
N GLY B 31 15.13 5.86 12.13
CA GLY B 31 15.52 6.66 13.30
C GLY B 31 15.26 5.88 14.57
N ALA B 32 15.44 6.54 15.71
CA ALA B 32 15.33 5.97 17.06
C ALA B 32 13.88 5.54 17.33
N GLY B 33 13.73 4.63 18.30
CA GLY B 33 12.44 4.15 18.80
C GLY B 33 12.68 3.32 20.05
N PRO B 34 11.62 2.71 20.58
CA PRO B 34 11.71 1.88 21.78
C PRO B 34 12.65 0.67 21.66
N TYR B 35 12.62 -0.07 20.56
CA TYR B 35 13.48 -1.27 20.44
C TYR B 35 14.98 -0.86 20.36
N TYR B 36 15.25 0.34 19.85
CA TYR B 36 16.61 0.93 19.74
C TYR B 36 17.20 1.17 21.13
N THR B 37 16.46 1.86 21.99
CA THR B 37 16.87 2.09 23.39
C THR B 37 16.94 0.73 24.14
N GLN B 38 15.99 -0.20 23.92
CA GLN B 38 15.94 -1.48 24.68
C GLN B 38 17.14 -2.36 24.32
N ARG B 39 17.47 -2.47 23.04
CA ARG B 39 18.48 -3.42 22.52
C ARG B 39 19.90 -2.82 22.54
N CYS B 40 20.08 -1.54 22.21
CA CYS B 40 21.43 -0.90 22.21
C CYS B 40 21.77 -0.50 23.64
N GLY B 41 20.77 -0.17 24.45
CA GLY B 41 20.97 0.33 25.83
C GLY B 41 20.96 1.85 25.87
N GLU B 42 20.78 2.43 27.05
CA GLU B 42 20.61 3.90 27.26
C GLU B 42 21.86 4.61 26.75
N THR B 43 23.05 4.08 27.04
CA THR B 43 24.29 4.84 26.84
C THR B 43 24.49 5.08 25.35
N TYR B 44 24.43 4.05 24.52
CA TYR B 44 24.58 4.18 23.05
C TYR B 44 23.49 5.12 22.51
N ALA B 45 22.23 4.80 22.77
CA ALA B 45 21.04 5.52 22.24
C ALA B 45 21.13 7.02 22.60
N VAL B 46 21.42 7.36 23.83
CA VAL B 46 21.44 8.78 24.24
C VAL B 46 22.58 9.48 23.49
N TYR B 47 23.77 8.86 23.41
CA TYR B 47 24.98 9.53 22.89
C TYR B 47 24.78 9.82 21.39
N MET B 48 24.31 8.81 20.66
CA MET B 48 24.15 8.85 19.18
C MET B 48 22.95 9.73 18.79
N GLU B 49 21.96 9.93 19.67
CA GLU B 49 20.80 10.82 19.36
C GLU B 49 21.12 12.30 19.64
N LYS B 50 22.15 12.63 20.44
CA LYS B 50 22.56 14.04 20.66
C LYS B 50 23.12 14.63 19.36
N ASP B 51 23.65 13.79 18.47
CA ASP B 51 24.14 14.21 17.13
C ASP B 51 23.91 13.05 16.15
N LYS B 52 22.83 13.12 15.39
CA LYS B 52 22.32 12.06 14.48
C LYS B 52 23.29 11.91 13.29
N ALA B 53 24.22 12.83 13.14
CA ALA B 53 25.21 12.87 12.03
C ALA B 53 26.60 12.46 12.52
N GLY B 54 26.75 12.26 13.82
CA GLY B 54 28.00 11.76 14.42
C GLY B 54 28.39 10.36 13.94
N PRO B 55 29.67 10.02 14.04
CA PRO B 55 30.16 8.70 13.67
C PRO B 55 29.81 7.63 14.72
N ILE B 56 29.96 6.37 14.34
CA ILE B 56 29.47 5.20 15.12
C ILE B 56 30.45 4.90 16.26
N GLU B 57 31.76 4.86 15.94
CA GLU B 57 32.83 4.39 16.86
C GLU B 57 32.64 5.07 18.20
N ASN B 58 32.36 6.36 18.20
CA ASN B 58 32.31 7.20 19.43
C ASN B 58 31.23 6.67 20.35
N GLY B 59 30.09 6.24 19.81
CA GLY B 59 28.98 5.67 20.59
C GLY B 59 29.28 4.28 21.10
N VAL B 60 29.94 3.47 20.28
CA VAL B 60 30.42 2.11 20.68
C VAL B 60 31.32 2.26 21.89
N ALA B 61 32.33 3.12 21.78
CA ALA B 61 33.37 3.32 22.81
C ALA B 61 32.71 3.77 24.12
N LYS B 62 31.77 4.71 24.05
CA LYS B 62 31.03 5.23 25.24
C LYS B 62 30.21 4.10 25.88
N ALA B 63 29.55 3.29 25.06
CA ALA B 63 28.64 2.24 25.56
C ALA B 63 29.44 1.13 26.26
N GLY B 64 30.66 0.85 25.80
CA GLY B 64 31.45 -0.32 26.22
C GLY B 64 30.62 -1.59 26.23
N SER B 65 30.64 -2.32 27.36
CA SER B 65 29.97 -3.63 27.62
C SER B 65 28.44 -3.50 27.70
N GLU B 66 27.87 -2.29 27.81
CA GLU B 66 26.39 -2.08 27.85
C GLU B 66 25.78 -2.40 26.46
N LEU B 67 26.52 -2.15 25.38
CA LEU B 67 26.05 -2.27 23.99
C LEU B 67 25.42 -3.65 23.77
N GLY B 68 24.25 -3.72 23.13
CA GLY B 68 23.54 -4.98 22.82
C GLY B 68 22.97 -5.04 21.42
N CYS B 69 23.26 -4.07 20.54
CA CYS B 69 22.89 -4.11 19.08
C CYS B 69 24.19 -4.15 18.24
N ASN B 70 24.06 -4.29 16.92
CA ASN B 70 25.15 -4.13 15.94
C ASN B 70 25.10 -2.72 15.40
N PRO B 71 25.92 -1.80 15.92
CA PRO B 71 25.87 -0.42 15.47
C PRO B 71 26.46 -0.19 14.07
N PHE B 72 27.05 -1.23 13.45
CA PHE B 72 27.63 -1.15 12.08
C PHE B 72 26.61 -1.67 11.06
N LEU B 73 25.37 -1.89 11.51
CA LEU B 73 24.20 -2.18 10.66
C LEU B 73 23.13 -1.14 10.98
N CYS B 74 22.94 -0.17 10.09
CA CYS B 74 21.86 0.84 10.15
C CYS B 74 22.09 1.78 11.34
N ARG B 75 23.34 1.92 11.79
CA ARG B 75 23.71 2.78 12.93
C ARG B 75 23.12 2.21 14.23
N GLY B 76 22.68 0.95 14.19
CA GLY B 76 22.08 0.25 15.34
C GLY B 76 20.58 0.54 15.50
N TYR B 77 19.99 1.32 14.58
CA TYR B 77 18.51 1.52 14.44
C TYR B 77 17.88 0.16 14.12
N GLN B 78 16.60 -0.03 14.43
CA GLN B 78 15.91 -1.34 14.44
C GLN B 78 14.69 -1.31 13.52
N TYR B 79 14.47 -2.39 12.77
CA TYR B 79 13.31 -2.51 11.85
C TYR B 79 12.00 -2.21 12.60
N GLU B 80 11.80 -2.82 13.78
CA GLU B 80 10.48 -2.81 14.48
C GLU B 80 10.09 -1.38 14.87
N ASP B 81 11.01 -0.41 14.80
CA ASP B 81 10.78 1.02 15.13
C ASP B 81 10.45 1.81 13.85
N ASN B 82 10.45 1.17 12.68
CA ASN B 82 10.41 1.91 11.38
C ASN B 82 9.44 1.20 10.43
N GLU B 83 9.23 1.75 9.24
CA GLU B 83 8.30 1.17 8.23
C GLU B 83 9.05 1.03 6.89
N ALA B 84 8.80 -0.06 6.17
CA ALA B 84 9.35 -0.32 4.82
C ALA B 84 8.42 0.28 3.76
N VAL B 85 8.98 0.87 2.71
CA VAL B 85 8.21 1.37 1.54
C VAL B 85 8.33 0.35 0.40
N GLU B 86 7.28 0.22 -0.42
CA GLU B 86 7.33 -0.61 -1.66
C GLU B 86 8.08 0.17 -2.74
N TYR B 87 8.99 -0.53 -3.42
CA TYR B 87 9.75 -0.04 -4.59
C TYR B 87 9.53 -1.02 -5.74
N GLU B 88 9.51 -0.50 -6.98
CA GLU B 88 9.33 -1.30 -8.22
C GLU B 88 10.71 -1.59 -8.83
N PRO B 89 10.93 -2.79 -9.42
CA PRO B 89 12.14 -3.03 -10.19
C PRO B 89 12.37 -1.86 -11.16
N GLY B 90 13.61 -1.38 -11.21
CA GLY B 90 14.01 -0.28 -12.10
C GLY B 90 13.44 1.03 -11.63
N GLN B 91 12.93 1.10 -10.40
CA GLN B 91 12.49 2.42 -9.88
C GLN B 91 13.74 3.25 -9.59
N VAL B 92 13.67 4.55 -9.85
CA VAL B 92 14.74 5.53 -9.53
C VAL B 92 14.31 6.31 -8.29
N ILE B 93 15.17 6.30 -7.26
CA ILE B 93 14.95 6.97 -5.94
C ILE B 93 15.98 8.07 -5.76
N ASP B 94 15.54 9.30 -5.53
CA ASP B 94 16.40 10.47 -5.20
C ASP B 94 16.82 10.36 -3.74
N PHE B 95 18.12 10.48 -3.46
CA PHE B 95 18.70 10.64 -2.10
C PHE B 95 19.22 12.07 -1.90
N HIS B 96 19.00 12.63 -0.71
CA HIS B 96 19.68 13.86 -0.25
C HIS B 96 20.41 13.51 1.04
N VAL B 97 21.66 13.95 1.15
CA VAL B 97 22.55 13.77 2.34
C VAL B 97 22.83 15.16 2.92
N ASP B 98 22.42 15.38 4.16
CA ASP B 98 22.75 16.61 4.91
C ASP B 98 24.18 16.40 5.44
N LEU B 99 25.15 17.10 4.85
CA LEU B 99 26.59 17.01 5.19
C LEU B 99 26.96 18.16 6.14
N ILE B 100 27.14 17.87 7.43
CA ILE B 100 27.48 18.88 8.48
C ILE B 100 28.97 19.21 8.42
N ALA B 101 29.84 18.22 8.24
CA ALA B 101 31.32 18.41 8.22
C ALA B 101 31.95 17.41 7.26
N GLY B 102 32.71 17.94 6.30
CA GLY B 102 33.46 17.17 5.29
C GLY B 102 34.76 16.65 5.88
N HIS B 103 35.10 15.40 5.58
CA HIS B 103 36.37 14.79 5.99
C HIS B 103 36.96 14.14 4.75
N HIS B 104 38.28 14.33 4.60
CA HIS B 104 39.11 13.85 3.47
C HIS B 104 40.34 13.19 4.11
N PRO B 105 40.83 12.07 3.56
CA PRO B 105 40.14 11.32 2.51
C PRO B 105 39.08 10.37 3.08
N GLY B 106 38.39 9.67 2.19
CA GLY B 106 37.42 8.63 2.58
C GLY B 106 36.71 8.06 1.36
N TYR B 107 35.86 7.07 1.57
CA TYR B 107 35.05 6.42 0.52
C TYR B 107 33.66 6.11 1.08
N ALA B 108 32.73 5.86 0.20
CA ALA B 108 31.30 5.69 0.55
C ALA B 108 30.65 4.81 -0.51
N ASN B 109 29.72 3.97 -0.08
CA ASN B 109 28.84 3.24 -1.02
C ASN B 109 27.40 3.24 -0.52
N VAL B 110 26.48 3.10 -1.47
CA VAL B 110 25.03 2.87 -1.23
C VAL B 110 24.69 1.55 -1.89
N SER B 111 24.33 0.56 -1.08
CA SER B 111 24.09 -0.84 -1.48
C SER B 111 22.83 -1.33 -0.79
N ILE B 112 22.24 -2.37 -1.36
CA ILE B 112 21.14 -3.17 -0.77
C ILE B 112 21.78 -4.24 0.11
N VAL B 113 21.51 -4.21 1.42
CA VAL B 113 22.02 -5.24 2.37
C VAL B 113 20.86 -6.11 2.86
N ASP B 114 21.11 -7.42 2.87
CA ASP B 114 20.26 -8.46 3.49
C ASP B 114 20.45 -8.35 4.99
N LEU B 115 19.42 -7.85 5.67
CA LEU B 115 19.43 -7.49 7.11
C LEU B 115 19.62 -8.73 7.99
N GLU B 116 19.15 -9.90 7.57
CA GLU B 116 19.25 -11.16 8.35
C GLU B 116 20.71 -11.64 8.39
N ALA B 117 21.49 -11.43 7.32
CA ALA B 117 22.87 -11.93 7.17
C ALA B 117 23.88 -10.79 7.35
N ASN B 118 23.44 -9.54 7.19
CA ASN B 118 24.31 -8.32 7.19
C ASN B 118 25.30 -8.42 6.03
N LYS B 119 24.88 -8.92 4.87
CA LYS B 119 25.76 -9.09 3.67
C LYS B 119 25.09 -8.39 2.49
N ILE B 120 25.90 -7.79 1.61
CA ILE B 120 25.38 -6.99 0.47
C ILE B 120 24.79 -7.92 -0.61
N ILE B 121 23.69 -7.50 -1.22
CA ILE B 121 23.02 -8.24 -2.32
C ILE B 121 23.48 -7.62 -3.63
N GLY B 122 24.15 -8.42 -4.47
CA GLY B 122 24.74 -7.97 -5.74
C GLY B 122 25.69 -6.80 -5.53
N ASP B 123 25.70 -5.84 -6.46
CA ASP B 123 26.73 -4.78 -6.56
C ASP B 123 26.24 -3.51 -5.88
N PRO B 124 27.15 -2.66 -5.39
CA PRO B 124 26.76 -1.33 -4.92
C PRO B 124 25.87 -0.64 -5.96
N LEU B 125 24.80 0.02 -5.53
CA LEU B 125 24.00 0.89 -6.43
C LEU B 125 24.80 2.15 -6.75
N ARG B 126 25.73 2.52 -5.88
CA ARG B 126 26.63 3.67 -6.10
C ARG B 126 27.87 3.51 -5.19
N SER B 127 29.01 4.02 -5.66
CA SER B 127 30.36 3.89 -5.06
C SER B 127 31.06 5.21 -5.27
N TRP B 128 31.68 5.77 -4.24
CA TRP B 128 32.64 6.89 -4.35
C TRP B 128 34.00 6.41 -3.80
N ASP B 129 35.07 6.49 -4.60
CA ASP B 129 36.46 6.18 -4.19
C ASP B 129 37.02 7.35 -3.37
N ASP B 130 36.43 8.53 -3.53
CA ASP B 130 36.75 9.73 -2.74
C ASP B 130 35.44 10.42 -2.34
N TYR B 131 35.14 10.49 -1.04
CA TYR B 131 33.88 11.07 -0.51
C TYR B 131 34.18 11.83 0.78
N PRO B 132 33.52 12.99 1.01
CA PRO B 132 32.72 13.68 -0.02
C PRO B 132 33.59 14.37 -1.08
N ASN B 133 32.99 15.21 -1.91
CA ASN B 133 33.73 16.10 -2.84
C ASN B 133 33.60 17.55 -2.35
N ARG B 140 27.04 18.79 -7.24
CA ARG B 140 27.32 17.89 -6.08
C ARG B 140 26.56 16.57 -6.29
N SER B 141 27.21 15.59 -6.91
CA SER B 141 26.71 14.19 -7.08
C SER B 141 27.01 13.31 -5.86
N ASP B 142 27.34 13.92 -4.71
CA ASP B 142 27.75 13.21 -3.47
C ASP B 142 26.70 13.42 -2.37
N ILE B 143 26.12 14.63 -2.26
CA ILE B 143 25.01 14.93 -1.30
C ILE B 143 23.63 14.83 -1.99
N ASP B 144 23.55 15.06 -3.30
CA ASP B 144 22.27 14.97 -4.06
C ASP B 144 22.48 13.96 -5.19
N PHE B 145 22.07 12.73 -4.99
CA PHE B 145 22.31 11.64 -5.96
C PHE B 145 21.06 10.79 -6.10
N ASN B 146 21.04 9.84 -7.05
CA ASN B 146 19.92 8.89 -7.19
C ASN B 146 20.49 7.48 -7.33
N VAL B 147 19.63 6.48 -7.24
CA VAL B 147 19.99 5.04 -7.34
C VAL B 147 18.80 4.32 -7.97
N THR B 148 19.03 3.16 -8.58
CA THR B 148 18.03 2.42 -9.39
C THR B 148 17.90 1.02 -8.77
N ILE B 149 16.67 0.59 -8.53
CA ILE B 149 16.45 -0.78 -7.97
C ILE B 149 16.77 -1.76 -9.08
N PRO B 150 17.62 -2.78 -8.84
CA PRO B 150 17.82 -3.86 -9.81
C PRO B 150 16.53 -4.58 -10.22
N ASN B 151 16.62 -5.38 -11.29
CA ASN B 151 15.60 -6.33 -11.80
C ASN B 151 15.87 -7.75 -11.29
N THR B 152 17.01 -7.96 -10.60
CA THR B 152 17.62 -9.30 -10.36
C THR B 152 17.54 -9.70 -8.87
N LEU B 153 16.57 -9.17 -8.12
CA LEU B 153 16.47 -9.40 -6.65
C LEU B 153 15.78 -10.73 -6.33
N GLY B 154 15.00 -11.29 -7.25
CA GLY B 154 14.24 -12.53 -7.06
C GLY B 154 13.14 -12.30 -6.03
N THR B 155 13.10 -13.11 -4.99
CA THR B 155 12.17 -12.95 -3.85
C THR B 155 12.95 -12.47 -2.61
N ALA B 156 14.20 -12.04 -2.79
CA ALA B 156 15.15 -11.77 -1.68
C ALA B 156 14.66 -10.58 -0.83
N CYS B 157 13.89 -9.64 -1.40
CA CYS B 157 13.30 -8.47 -0.68
C CYS B 157 11.78 -8.42 -0.83
N SER B 158 11.13 -9.58 -0.94
CA SER B 158 9.67 -9.73 -1.16
C SER B 158 8.89 -8.96 -0.09
N THR B 159 9.33 -8.97 1.17
CA THR B 159 8.58 -8.40 2.34
C THR B 159 9.45 -7.49 3.21
N GLY B 160 8.80 -6.62 3.99
CA GLY B 160 9.45 -5.65 4.89
C GLY B 160 10.37 -6.33 5.90
N GLY B 161 11.54 -5.75 6.14
CA GLY B 161 12.49 -6.23 7.15
C GLY B 161 13.39 -7.34 6.61
N LYS B 162 13.44 -7.56 5.30
CA LYS B 162 14.43 -8.51 4.73
C LYS B 162 15.61 -7.72 4.15
N CYS B 163 15.36 -6.55 3.56
CA CYS B 163 16.43 -5.69 2.99
C CYS B 163 16.23 -4.24 3.40
N ALA B 164 17.32 -3.46 3.32
CA ALA B 164 17.32 -1.97 3.36
C ALA B 164 18.41 -1.45 2.43
N ILE B 165 18.26 -0.21 1.99
CA ILE B 165 19.31 0.54 1.26
C ILE B 165 20.19 1.24 2.30
N GLN B 166 21.44 0.82 2.46
CA GLN B 166 22.37 1.39 3.45
C GLN B 166 23.31 2.38 2.76
N TRP B 167 23.28 3.64 3.20
CA TRP B 167 24.33 4.63 2.88
C TRP B 167 25.47 4.47 3.90
N TYR B 168 26.69 4.25 3.41
CA TYR B 168 27.90 3.97 4.23
C TYR B 168 29.04 4.89 3.79
N TRP B 169 29.63 5.61 4.74
CA TRP B 169 30.75 6.53 4.50
C TRP B 169 31.81 6.27 5.57
N TYR B 170 33.01 5.95 5.11
CA TYR B 170 34.20 5.79 5.97
C TYR B 170 35.11 6.98 5.70
N ALA B 171 35.22 7.84 6.69
CA ALA B 171 36.22 8.92 6.69
C ALA B 171 37.54 8.29 7.16
N SER B 172 38.35 7.79 6.23
CA SER B 172 39.62 7.07 6.54
C SER B 172 40.61 8.01 7.25
N GLY B 173 40.66 9.29 6.89
CA GLY B 173 41.48 10.26 7.65
C GLY B 173 41.17 10.22 9.14
N ASN B 174 39.90 10.05 9.53
CA ASN B 174 39.46 10.14 10.95
C ASN B 174 39.14 8.76 11.55
N LYS B 175 39.13 7.67 10.77
CA LYS B 175 38.67 6.31 11.17
C LYS B 175 37.27 6.43 11.80
N GLN B 176 36.36 7.01 11.02
CA GLN B 176 34.97 7.33 11.39
C GLN B 176 34.08 6.66 10.36
N SER B 177 33.01 6.03 10.83
CA SER B 177 31.96 5.37 10.03
C SER B 177 30.64 6.10 10.24
N TYR B 178 29.93 6.34 9.16
CA TYR B 178 28.60 6.99 9.13
C TYR B 178 27.66 6.08 8.35
N GLU B 179 26.44 5.87 8.87
CA GLU B 179 25.43 4.93 8.30
C GLU B 179 24.03 5.52 8.43
N SER B 180 23.23 5.33 7.37
CA SER B 180 21.77 5.52 7.37
C SER B 180 21.14 4.40 6.53
N CYS B 181 19.95 3.96 6.91
CA CYS B 181 19.18 2.86 6.26
C CYS B 181 17.82 3.38 5.76
N VAL B 182 17.34 2.81 4.66
CA VAL B 182 15.95 2.94 4.12
C VAL B 182 15.39 1.52 3.97
N ASP B 183 14.39 1.15 4.78
CA ASP B 183 13.75 -0.19 4.65
C ASP B 183 12.85 -0.15 3.43
N PHE B 184 12.81 -1.23 2.66
CA PHE B 184 11.95 -1.35 1.48
C PHE B 184 11.68 -2.83 1.21
N TYR B 185 10.68 -3.07 0.35
CA TYR B 185 10.41 -4.39 -0.27
C TYR B 185 10.11 -4.16 -1.75
N VAL B 186 10.40 -5.18 -2.54
CA VAL B 186 9.97 -5.35 -3.96
C VAL B 186 9.16 -6.65 -3.98
N LYS B 187 7.93 -6.61 -4.48
CA LYS B 187 6.97 -7.76 -4.40
C LYS B 187 7.43 -8.88 -5.34
N ALA B 188 7.47 -10.12 -4.83
CA ALA B 188 7.90 -11.37 -5.51
C ALA B 188 8.15 -11.13 -7.00
N HIC C 21 -12.21 13.57 -20.33
CA HIC C 21 -12.19 12.84 -21.63
C HIC C 21 -10.78 12.38 -21.92
O HIC C 21 -9.85 13.19 -21.93
CB HIC C 21 -12.71 13.74 -22.77
CG HIC C 21 -14.19 13.86 -22.80
ND1 HIC C 21 -14.88 14.24 -21.66
CD2 HIC C 21 -15.08 13.60 -23.81
CE1 HIC C 21 -16.15 14.21 -21.99
NE2 HIC C 21 -16.33 13.84 -23.29
CZ HIC C 21 -17.56 13.69 -24.05
N ALA C 22 -10.63 11.08 -22.13
CA ALA C 22 -9.33 10.51 -22.40
C ALA C 22 -9.48 9.08 -22.86
N VAL C 23 -8.44 8.56 -23.51
CA VAL C 23 -8.36 7.18 -24.09
C VAL C 23 -6.87 6.84 -24.28
N VAL C 24 -6.52 5.57 -24.03
CA VAL C 24 -5.18 4.96 -24.34
C VAL C 24 -4.99 4.94 -25.85
N THR C 25 -3.79 5.31 -26.35
CA THR C 25 -3.41 5.14 -27.77
C THR C 25 -2.26 4.13 -27.88
N VAL C 26 -1.45 3.95 -26.83
CA VAL C 26 -0.31 2.97 -26.87
C VAL C 26 -0.28 2.20 -25.55
N PRO C 27 -0.29 0.85 -25.59
CA PRO C 27 -0.50 0.08 -26.81
C PRO C 27 -1.89 0.31 -27.44
N THR C 28 -2.11 -0.19 -28.67
CA THR C 28 -3.45 -0.13 -29.31
C THR C 28 -4.42 -0.90 -28.43
N PRO C 29 -5.48 -0.24 -27.91
CA PRO C 29 -6.45 -0.93 -27.08
C PRO C 29 -7.57 -1.55 -27.91
N ARG C 30 -8.50 -2.24 -27.26
CA ARG C 30 -9.73 -2.78 -27.89
C ARG C 30 -10.49 -1.63 -28.57
N GLY C 31 -11.08 -1.94 -29.71
CA GLY C 31 -11.92 -1.01 -30.49
C GLY C 31 -13.24 -1.67 -30.82
N ALA C 32 -14.11 -0.92 -31.50
CA ALA C 32 -15.46 -1.34 -31.92
C ALA C 32 -15.33 -2.50 -32.92
N GLY C 33 -16.40 -3.27 -33.05
CA GLY C 33 -16.50 -4.37 -34.04
C GLY C 33 -17.90 -4.94 -34.04
N PRO C 34 -18.16 -5.97 -34.88
CA PRO C 34 -19.47 -6.60 -34.99
C PRO C 34 -20.08 -7.11 -33.68
N TYR C 35 -19.30 -7.81 -32.87
CA TYR C 35 -19.79 -8.38 -31.60
C TYR C 35 -20.15 -7.24 -30.63
N TYR C 36 -19.40 -6.15 -30.66
CA TYR C 36 -19.69 -4.92 -29.90
C TYR C 36 -21.10 -4.37 -30.19
N THR C 37 -21.43 -4.16 -31.47
CA THR C 37 -22.75 -3.68 -31.92
C THR C 37 -23.81 -4.74 -31.60
N GLN C 38 -23.51 -6.01 -31.89
CA GLN C 38 -24.48 -7.13 -31.65
C GLN C 38 -24.84 -7.21 -30.17
N ARG C 39 -23.87 -7.12 -29.26
CA ARG C 39 -24.06 -7.42 -27.82
C ARG C 39 -24.50 -6.19 -27.02
N CYS C 40 -23.88 -5.03 -27.24
CA CYS C 40 -24.23 -3.75 -26.56
C CYS C 40 -25.50 -3.15 -27.19
N GLY C 41 -25.72 -3.34 -28.48
CA GLY C 41 -26.88 -2.80 -29.21
C GLY C 41 -26.49 -1.53 -29.92
N GLU C 42 -27.27 -1.14 -30.94
CA GLU C 42 -26.97 0.02 -31.82
C GLU C 42 -26.79 1.27 -30.95
N THR C 43 -27.66 1.51 -29.99
CA THR C 43 -27.72 2.81 -29.28
C THR C 43 -26.39 3.01 -28.54
N TYR C 44 -25.98 2.05 -27.73
CA TYR C 44 -24.71 2.16 -26.99
C TYR C 44 -23.56 2.34 -27.99
N ALA C 45 -23.44 1.42 -28.96
CA ALA C 45 -22.35 1.39 -29.95
C ALA C 45 -22.23 2.76 -30.62
N VAL C 46 -23.31 3.26 -31.20
CA VAL C 46 -23.26 4.49 -32.04
C VAL C 46 -22.87 5.70 -31.17
N TYR C 47 -23.40 5.78 -29.95
CA TYR C 47 -23.23 6.98 -29.08
C TYR C 47 -21.76 7.04 -28.65
N MET C 48 -21.24 5.90 -28.23
CA MET C 48 -19.89 5.77 -27.65
C MET C 48 -18.81 5.89 -28.73
N GLU C 49 -19.11 5.62 -30.00
CA GLU C 49 -18.08 5.69 -31.06
C GLU C 49 -17.96 7.12 -31.60
N LYS C 50 -19.00 7.94 -31.47
CA LYS C 50 -18.95 9.39 -31.81
C LYS C 50 -17.86 10.10 -31.00
N ASP C 51 -17.52 9.63 -29.78
CA ASP C 51 -16.36 10.18 -29.00
C ASP C 51 -15.75 9.04 -28.17
N LYS C 52 -14.66 8.44 -28.70
CA LYS C 52 -14.00 7.24 -28.13
C LYS C 52 -13.37 7.57 -26.78
N ALA C 53 -13.31 8.86 -26.43
CA ALA C 53 -12.73 9.39 -25.17
C ALA C 53 -13.82 9.85 -24.19
N GLY C 54 -15.08 9.78 -24.58
CA GLY C 54 -16.24 10.08 -23.72
C GLY C 54 -16.39 9.10 -22.55
N PRO C 55 -17.06 9.53 -21.47
CA PRO C 55 -17.32 8.64 -20.33
C PRO C 55 -18.41 7.61 -20.63
N ILE C 56 -18.57 6.63 -19.77
CA ILE C 56 -19.39 5.40 -20.03
C ILE C 56 -20.86 5.68 -19.63
N GLU C 57 -21.05 6.27 -18.45
CA GLU C 57 -22.37 6.62 -17.86
C GLU C 57 -23.30 7.22 -18.93
N ASN C 58 -22.79 8.10 -19.78
CA ASN C 58 -23.60 8.82 -20.78
C ASN C 58 -24.17 7.81 -21.78
N GLY C 59 -23.38 6.81 -22.17
CA GLY C 59 -23.78 5.76 -23.13
C GLY C 59 -24.77 4.79 -22.52
N VAL C 60 -24.53 4.41 -21.27
CA VAL C 60 -25.47 3.58 -20.46
C VAL C 60 -26.85 4.26 -20.46
N ALA C 61 -26.89 5.52 -20.05
CA ALA C 61 -28.13 6.32 -19.87
C ALA C 61 -28.87 6.42 -21.19
N LYS C 62 -28.18 6.67 -22.29
CA LYS C 62 -28.80 6.74 -23.62
C LYS C 62 -29.43 5.38 -23.98
N ALA C 63 -28.70 4.29 -23.71
CA ALA C 63 -29.05 2.94 -24.21
C ALA C 63 -30.30 2.47 -23.47
N GLY C 64 -30.40 2.82 -22.19
CA GLY C 64 -31.46 2.33 -21.30
C GLY C 64 -31.55 0.80 -21.33
N SER C 65 -32.74 0.30 -21.63
CA SER C 65 -33.10 -1.14 -21.54
C SER C 65 -32.55 -1.90 -22.75
N GLU C 66 -32.09 -1.21 -23.81
CA GLU C 66 -31.49 -1.82 -25.03
C GLU C 66 -30.13 -2.44 -24.66
N LEU C 67 -29.41 -1.89 -23.69
CA LEU C 67 -28.02 -2.29 -23.37
C LEU C 67 -27.95 -3.78 -23.05
N GLY C 68 -27.00 -4.52 -23.66
CA GLY C 68 -26.84 -5.98 -23.47
C GLY C 68 -25.39 -6.43 -23.22
N CYS C 69 -24.47 -5.50 -22.95
CA CYS C 69 -23.07 -5.84 -22.58
C CYS C 69 -22.79 -5.26 -21.19
N ASN C 70 -21.56 -5.44 -20.69
CA ASN C 70 -21.10 -4.75 -19.46
C ASN C 70 -20.19 -3.61 -19.89
N PRO C 71 -20.71 -2.36 -19.88
CA PRO C 71 -19.92 -1.23 -20.34
C PRO C 71 -18.85 -0.83 -19.32
N PHE C 72 -18.89 -1.41 -18.12
CA PHE C 72 -17.90 -1.13 -17.05
C PHE C 72 -16.77 -2.15 -17.10
N LEU C 73 -16.78 -3.01 -18.13
CA LEU C 73 -15.62 -3.87 -18.51
C LEU C 73 -15.17 -3.54 -19.93
N CYS C 74 -14.01 -2.88 -20.07
CA CYS C 74 -13.42 -2.53 -21.38
C CYS C 74 -14.33 -1.60 -22.17
N ARG C 75 -15.14 -0.80 -21.49
CA ARG C 75 -16.02 0.19 -22.16
C ARG C 75 -17.07 -0.55 -23.00
N GLY C 76 -17.26 -1.85 -22.74
CA GLY C 76 -18.20 -2.71 -23.49
C GLY C 76 -17.61 -3.30 -24.77
N TYR C 77 -16.37 -2.95 -25.14
CA TYR C 77 -15.59 -3.55 -26.26
C TYR C 77 -15.47 -5.05 -25.97
N GLN C 78 -15.36 -5.87 -27.02
CA GLN C 78 -15.48 -7.34 -26.93
C GLN C 78 -14.20 -8.01 -27.44
N TYR C 79 -13.84 -9.15 -26.84
CA TYR C 79 -12.60 -9.90 -27.17
C TYR C 79 -12.64 -10.32 -28.65
N GLU C 80 -13.77 -10.79 -29.16
CA GLU C 80 -13.82 -11.44 -30.51
C GLU C 80 -13.57 -10.38 -31.61
N ASP C 81 -13.66 -9.10 -31.26
CA ASP C 81 -13.48 -7.95 -32.19
C ASP C 81 -12.00 -7.53 -32.21
N ASN C 82 -11.16 -8.15 -31.38
CA ASN C 82 -9.76 -7.67 -31.13
C ASN C 82 -8.79 -8.86 -31.11
N GLU C 83 -7.50 -8.59 -30.90
CA GLU C 83 -6.41 -9.59 -30.93
C GLU C 83 -5.56 -9.38 -29.66
N ALA C 84 -5.19 -10.46 -28.98
CA ALA C 84 -4.24 -10.40 -27.84
C ALA C 84 -2.80 -10.38 -28.37
N VAL C 85 -1.90 -9.58 -27.77
CA VAL C 85 -0.42 -9.62 -28.01
C VAL C 85 0.24 -10.46 -26.90
N GLU C 86 1.35 -11.12 -27.22
CA GLU C 86 2.20 -11.86 -26.24
C GLU C 86 3.15 -10.90 -25.53
N TYR C 87 3.13 -10.96 -24.19
CA TYR C 87 4.09 -10.32 -23.26
C TYR C 87 4.88 -11.43 -22.52
N GLU C 88 6.11 -11.11 -22.12
CA GLU C 88 6.97 -11.98 -21.25
C GLU C 88 6.82 -11.52 -19.79
N PRO C 89 6.96 -12.44 -18.81
CA PRO C 89 6.99 -12.05 -17.39
C PRO C 89 8.07 -10.96 -17.19
N GLY C 90 7.79 -9.95 -16.36
CA GLY C 90 8.72 -8.85 -16.05
C GLY C 90 9.01 -7.98 -17.27
N GLN C 91 8.19 -8.02 -18.31
CA GLN C 91 8.39 -7.10 -19.45
C GLN C 91 7.88 -5.71 -19.03
N VAL C 92 8.52 -4.66 -19.53
CA VAL C 92 8.17 -3.24 -19.27
C VAL C 92 7.48 -2.67 -20.51
N ILE C 93 6.20 -2.31 -20.41
CA ILE C 93 5.36 -1.79 -21.53
C ILE C 93 5.12 -0.30 -21.31
N ASP C 94 5.43 0.52 -22.31
CA ASP C 94 5.17 1.98 -22.31
C ASP C 94 3.71 2.24 -22.69
N PHE C 95 2.97 2.95 -21.84
CA PHE C 95 1.59 3.44 -22.14
C PHE C 95 1.66 4.91 -22.53
N HIS C 96 0.82 5.32 -23.47
CA HIS C 96 0.44 6.73 -23.72
C HIS C 96 -1.09 6.83 -23.61
N VAL C 97 -1.56 7.88 -22.94
CA VAL C 97 -2.98 8.26 -22.79
C VAL C 97 -3.16 9.62 -23.47
N ASP C 98 -4.01 9.68 -24.49
CA ASP C 98 -4.42 10.94 -25.15
C ASP C 98 -5.48 11.56 -24.24
N LEU C 99 -5.11 12.61 -23.51
CA LEU C 99 -6.00 13.32 -22.56
C LEU C 99 -6.65 14.53 -23.25
N ILE C 100 -7.92 14.41 -23.67
CA ILE C 100 -8.68 15.47 -24.40
C ILE C 100 -9.10 16.55 -23.41
N ALA C 101 -9.62 16.17 -22.25
CA ALA C 101 -10.06 17.13 -21.20
C ALA C 101 -9.71 16.56 -19.81
N GLY C 102 -8.95 17.32 -19.01
CA GLY C 102 -8.63 16.98 -17.61
C GLY C 102 -9.80 17.25 -16.69
N HIS C 103 -10.07 16.36 -15.74
CA HIS C 103 -11.10 16.59 -14.71
C HIS C 103 -10.44 16.34 -13.37
N HIS C 104 -10.68 17.25 -12.40
CA HIS C 104 -10.24 17.15 -10.99
C HIS C 104 -11.45 17.37 -10.09
N PRO C 105 -11.57 16.65 -8.96
CA PRO C 105 -10.63 15.59 -8.62
C PRO C 105 -11.04 14.25 -9.27
N GLY C 106 -10.29 13.20 -8.97
CA GLY C 106 -10.51 11.84 -9.47
C GLY C 106 -9.29 10.95 -9.24
N TYR C 107 -9.47 9.65 -9.44
CA TYR C 107 -8.40 8.64 -9.29
C TYR C 107 -8.45 7.69 -10.51
N ALA C 108 -7.37 6.94 -10.69
CA ALA C 108 -7.14 6.04 -11.83
C ALA C 108 -6.23 4.91 -11.40
N ASN C 109 -6.46 3.70 -11.93
CA ASN C 109 -5.48 2.60 -11.83
C ASN C 109 -5.42 1.84 -13.16
N VAL C 110 -4.27 1.26 -13.43
CA VAL C 110 -4.02 0.31 -14.54
C VAL C 110 -3.72 -1.03 -13.89
N SER C 111 -4.59 -2.01 -14.08
CA SER C 111 -4.51 -3.36 -13.47
C SER C 111 -4.73 -4.44 -14.53
N ILE C 112 -4.44 -5.69 -14.17
CA ILE C 112 -4.70 -6.91 -14.96
C ILE C 112 -6.04 -7.43 -14.49
N VAL C 113 -7.02 -7.51 -15.39
CA VAL C 113 -8.39 -8.03 -15.11
C VAL C 113 -8.49 -9.43 -15.69
N ASP C 114 -8.93 -10.39 -14.85
CA ASP C 114 -9.54 -11.67 -15.29
C ASP C 114 -10.87 -11.34 -15.95
N LEU C 115 -10.96 -11.45 -17.28
CA LEU C 115 -12.17 -11.12 -18.08
C LEU C 115 -13.37 -12.00 -17.75
N GLU C 116 -13.16 -13.27 -17.36
CA GLU C 116 -14.27 -14.24 -17.14
C GLU C 116 -15.02 -13.85 -15.86
N ALA C 117 -14.28 -13.43 -14.83
CA ALA C 117 -14.79 -13.06 -13.49
C ALA C 117 -15.04 -11.55 -13.38
N ASN C 118 -14.34 -10.73 -14.17
CA ASN C 118 -14.34 -9.24 -14.07
C ASN C 118 -13.77 -8.81 -12.71
N LYS C 119 -12.73 -9.51 -12.23
CA LYS C 119 -12.01 -9.20 -10.97
C LYS C 119 -10.55 -8.93 -11.34
N ILE C 120 -9.87 -8.13 -10.54
CA ILE C 120 -8.42 -7.83 -10.73
C ILE C 120 -7.60 -9.07 -10.31
N ILE C 121 -6.47 -9.29 -10.97
CA ILE C 121 -5.45 -10.32 -10.60
C ILE C 121 -4.25 -9.61 -9.96
N GLY C 122 -3.91 -9.98 -8.73
CA GLY C 122 -2.81 -9.37 -7.99
C GLY C 122 -3.01 -7.87 -7.78
N ASP C 123 -1.92 -7.12 -7.77
CA ASP C 123 -1.90 -5.68 -7.40
C ASP C 123 -2.18 -4.86 -8.64
N PRO C 124 -2.64 -3.60 -8.48
CA PRO C 124 -2.54 -2.64 -9.57
C PRO C 124 -1.08 -2.59 -10.01
N LEU C 125 -0.86 -2.50 -11.32
CA LEU C 125 0.49 -2.26 -11.86
C LEU C 125 0.83 -0.78 -11.62
N ARG C 126 -0.19 0.07 -11.46
CA ARG C 126 0.01 1.52 -11.17
C ARG C 126 -1.30 2.09 -10.62
N SER C 127 -1.18 3.06 -9.71
CA SER C 127 -2.32 3.76 -9.06
C SER C 127 -2.06 5.26 -9.07
N TRP C 128 -3.10 6.06 -9.27
CA TRP C 128 -3.06 7.51 -8.96
C TRP C 128 -4.21 7.81 -7.98
N ASP C 129 -3.88 8.40 -6.82
CA ASP C 129 -4.85 8.84 -5.80
C ASP C 129 -5.41 10.18 -6.28
N ASP C 130 -4.68 10.86 -7.18
CA ASP C 130 -5.15 12.09 -7.87
C ASP C 130 -4.74 12.02 -9.36
N TYR C 131 -5.74 11.94 -10.25
CA TYR C 131 -5.59 11.77 -11.73
C TYR C 131 -6.62 12.62 -12.46
N PRO C 132 -6.22 13.27 -13.58
CA PRO C 132 -4.81 13.38 -13.97
C PRO C 132 -4.08 14.24 -12.94
N ASN C 133 -2.75 14.24 -12.95
CA ASN C 133 -1.92 15.19 -12.16
C ASN C 133 -1.29 16.14 -13.17
N ALA C 134 -2.04 17.18 -13.57
CA ALA C 134 -1.58 18.32 -14.40
C ALA C 134 -0.04 18.32 -14.46
N THR C 135 0.61 18.37 -13.28
CA THR C 135 2.07 18.07 -13.08
C THR C 135 2.27 17.58 -11.64
N ALA C 136 2.64 18.48 -10.71
CA ALA C 136 3.10 18.16 -9.33
C ALA C 136 4.37 17.28 -9.39
N THR C 137 4.29 16.09 -10.04
CA THR C 137 5.43 15.14 -10.23
C THR C 137 5.86 15.10 -11.71
N THR C 138 7.11 15.47 -12.00
CA THR C 138 7.63 15.92 -13.34
C THR C 138 8.58 14.89 -13.94
N PRO C 139 8.48 14.50 -15.25
CA PRO C 139 7.44 14.97 -16.17
C PRO C 139 6.08 14.24 -15.98
N ARG C 140 5.13 14.48 -16.89
CA ARG C 140 3.75 13.90 -16.88
C ARG C 140 3.83 12.38 -16.78
N SER C 141 3.82 11.84 -15.55
CA SER C 141 3.78 10.39 -15.23
C SER C 141 2.33 9.88 -15.14
N ASP C 142 1.37 10.58 -15.75
CA ASP C 142 -0.09 10.27 -15.74
C ASP C 142 -0.57 9.91 -17.17
N ILE C 143 -0.15 10.66 -18.20
CA ILE C 143 -0.46 10.39 -19.64
C ILE C 143 0.67 9.60 -20.31
N ASP C 144 1.91 9.68 -19.82
CA ASP C 144 3.04 8.89 -20.36
C ASP C 144 3.65 8.10 -19.21
N PHE C 145 3.32 6.82 -19.10
CA PHE C 145 3.79 5.96 -17.99
C PHE C 145 4.15 4.58 -18.51
N ASN C 146 4.68 3.74 -17.61
CA ASN C 146 5.14 2.36 -17.88
C ASN C 146 4.53 1.42 -16.83
N VAL C 147 4.48 0.13 -17.16
CA VAL C 147 4.04 -0.93 -16.21
C VAL C 147 4.89 -2.17 -16.49
N THR C 148 4.95 -3.08 -15.52
CA THR C 148 5.75 -4.32 -15.55
C THR C 148 4.80 -5.50 -15.46
N ILE C 149 4.87 -6.43 -16.40
CA ILE C 149 4.13 -7.71 -16.26
C ILE C 149 4.72 -8.38 -15.03
N PRO C 150 3.89 -8.87 -14.07
CA PRO C 150 4.35 -9.79 -13.03
C PRO C 150 5.02 -11.08 -13.52
N ASN C 151 5.66 -11.80 -12.59
CA ASN C 151 6.18 -13.18 -12.78
C ASN C 151 5.23 -14.16 -12.11
N THR C 152 4.27 -13.66 -11.34
CA THR C 152 3.47 -14.45 -10.38
C THR C 152 2.11 -14.82 -10.98
N LEU C 153 1.91 -14.61 -12.29
CA LEU C 153 0.61 -14.78 -13.00
C LEU C 153 0.19 -16.26 -13.05
N GLY C 154 1.15 -17.17 -13.01
CA GLY C 154 0.94 -18.62 -13.15
C GLY C 154 0.50 -18.94 -14.57
N THR C 155 -0.64 -19.63 -14.70
CA THR C 155 -1.24 -19.98 -16.01
C THR C 155 -2.44 -19.04 -16.28
N ALA C 156 -2.71 -18.08 -15.39
CA ALA C 156 -4.00 -17.36 -15.33
C ALA C 156 -4.26 -16.55 -16.62
N CYS C 157 -3.21 -16.14 -17.35
CA CYS C 157 -3.31 -15.39 -18.64
C CYS C 157 -2.59 -16.13 -19.78
N SER C 158 -2.54 -17.47 -19.71
CA SER C 158 -1.79 -18.38 -20.64
C SER C 158 -2.20 -18.15 -22.10
N THR C 159 -3.45 -17.78 -22.35
CA THR C 159 -4.01 -17.64 -23.73
C THR C 159 -4.87 -16.37 -23.83
N GLY C 160 -5.07 -15.88 -25.06
CA GLY C 160 -5.87 -14.70 -25.41
C GLY C 160 -7.30 -14.81 -24.89
N GLY C 161 -7.86 -13.67 -24.43
CA GLY C 161 -9.26 -13.58 -23.98
C GLY C 161 -9.49 -14.10 -22.58
N LYS C 162 -8.44 -14.30 -21.78
CA LYS C 162 -8.56 -14.68 -20.35
C LYS C 162 -8.30 -13.45 -19.49
N CYS C 163 -7.31 -12.63 -19.88
CA CYS C 163 -6.91 -11.36 -19.21
C CYS C 163 -6.77 -10.22 -20.21
N ALA C 164 -6.93 -9.00 -19.69
CA ALA C 164 -6.62 -7.72 -20.36
C ALA C 164 -6.07 -6.76 -19.31
N ILE C 165 -5.20 -5.86 -19.74
CA ILE C 165 -4.76 -4.68 -18.94
C ILE C 165 -5.81 -3.58 -19.13
N GLN C 166 -6.51 -3.22 -18.06
CA GLN C 166 -7.55 -2.16 -18.08
C GLN C 166 -7.00 -0.87 -17.47
N TRP C 167 -6.94 0.20 -18.26
CA TRP C 167 -6.79 1.59 -17.77
C TRP C 167 -8.17 2.10 -17.34
N TYR C 168 -8.33 2.46 -16.07
CA TYR C 168 -9.61 2.92 -15.48
C TYR C 168 -9.37 4.28 -14.82
N TRP C 169 -10.20 5.27 -15.14
CA TRP C 169 -10.17 6.63 -14.54
C TRP C 169 -11.59 6.97 -14.09
N TYR C 170 -11.74 7.32 -12.81
CA TYR C 170 -12.99 7.92 -12.27
C TYR C 170 -12.73 9.40 -12.01
N ALA C 171 -13.43 10.28 -12.73
CA ALA C 171 -13.45 11.73 -12.49
C ALA C 171 -14.55 12.05 -11.48
N SER C 172 -14.27 11.93 -10.19
CA SER C 172 -15.26 12.06 -9.07
C SER C 172 -15.99 13.42 -9.17
N GLY C 173 -15.29 14.49 -9.56
CA GLY C 173 -15.86 15.82 -9.84
C GLY C 173 -17.08 15.74 -10.74
N ASN C 174 -17.04 14.86 -11.75
CA ASN C 174 -18.11 14.72 -12.79
C ASN C 174 -18.90 13.41 -12.61
N LYS C 175 -18.52 12.55 -11.66
CA LYS C 175 -19.01 11.16 -11.54
C LYS C 175 -19.00 10.48 -12.91
N GLN C 176 -17.82 10.44 -13.54
CA GLN C 176 -17.59 9.94 -14.93
C GLN C 176 -16.53 8.83 -14.89
N SER C 177 -16.78 7.74 -15.62
CA SER C 177 -15.89 6.57 -15.74
C SER C 177 -15.30 6.54 -17.15
N TYR C 178 -14.00 6.36 -17.26
CA TYR C 178 -13.30 6.13 -18.55
C TYR C 178 -12.54 4.81 -18.44
N GLU C 179 -12.58 4.02 -19.52
CA GLU C 179 -11.91 2.69 -19.63
C GLU C 179 -11.27 2.53 -21.01
N SER C 180 -10.06 1.93 -21.03
CA SER C 180 -9.47 1.24 -22.20
C SER C 180 -8.90 -0.14 -21.78
N CYS C 181 -8.88 -1.11 -22.70
CA CYS C 181 -8.35 -2.49 -22.49
C CYS C 181 -7.25 -2.77 -23.50
N VAL C 182 -6.24 -3.54 -23.09
CA VAL C 182 -5.21 -4.18 -23.95
C VAL C 182 -5.26 -5.68 -23.66
N ASP C 183 -5.75 -6.48 -24.62
CA ASP C 183 -5.77 -7.96 -24.51
C ASP C 183 -4.33 -8.42 -24.65
N PHE C 184 -3.94 -9.42 -23.86
CA PHE C 184 -2.60 -10.03 -23.90
C PHE C 184 -2.68 -11.46 -23.32
N TYR C 185 -1.59 -12.21 -23.53
CA TYR C 185 -1.30 -13.51 -22.87
C TYR C 185 0.17 -13.52 -22.46
N VAL C 186 0.45 -14.33 -21.43
CA VAL C 186 1.83 -14.71 -21.00
C VAL C 186 1.86 -16.23 -20.99
N LYS C 187 2.81 -16.84 -21.71
CA LYS C 187 2.86 -18.32 -21.91
C LYS C 187 3.02 -19.03 -20.55
N ALA C 188 2.18 -20.04 -20.29
CA ALA C 188 2.00 -20.69 -18.97
C ALA C 188 3.06 -20.21 -17.97
C1 NAG D . -4.23 -5.47 19.13
C2 NAG D . -4.03 -5.10 20.58
C3 NAG D . -4.92 -5.95 21.45
C4 NAG D . -6.34 -5.89 20.99
C5 NAG D . -6.43 -6.18 19.52
C6 NAG D . -7.84 -6.23 18.97
C7 NAG D . -1.74 -4.30 20.57
C8 NAG D . -0.31 -4.43 20.99
N2 NAG D . -2.63 -5.25 20.91
O3 NAG D . -4.88 -5.56 22.81
O4 NAG D . -6.92 -7.02 21.62
O5 NAG D . -5.61 -5.26 18.82
O6 NAG D . -7.78 -6.71 17.62
O7 NAG D . -2.05 -3.33 19.95
C1 NAG D . -8.09 -6.74 22.35
C2 NAG D . -8.78 -8.06 22.63
C3 NAG D . -10.04 -7.78 23.40
C4 NAG D . -9.66 -7.09 24.69
C5 NAG D . -8.90 -5.78 24.35
C6 NAG D . -8.43 -5.02 25.56
C7 NAG D . -8.63 -9.61 20.71
C8 NAG D . -7.48 -10.31 21.35
N2 NAG D . -9.19 -8.60 21.36
O3 NAG D . -10.85 -8.93 23.60
O4 NAG D . -10.88 -6.74 25.34
O5 NAG D . -7.75 -6.02 23.54
O6 NAG D . -7.46 -5.83 26.18
O7 NAG D . -9.07 -9.92 19.59
C1 BMA D . -10.86 -7.21 26.67
C2 BMA D . -12.12 -6.72 27.34
C3 BMA D . -12.09 -7.19 28.78
C4 BMA D . -11.90 -8.71 28.81
C5 BMA D . -10.61 -9.08 28.07
C6 BMA D . -10.17 -10.54 28.15
O2 BMA D . -13.26 -7.19 26.63
O3 BMA D . -13.25 -6.74 29.48
O4 BMA D . -11.72 -9.08 30.16
O5 BMA D . -10.81 -8.64 26.72
O6 BMA D . -11.25 -11.52 28.04
C1 MAN D . -13.27 -6.46 30.78
C2 MAN D . -14.57 -6.87 31.47
C3 MAN D . -15.73 -5.97 31.03
C4 MAN D . -15.41 -4.49 31.06
C5 MAN D . -14.08 -4.18 30.41
C6 MAN D . -13.74 -2.74 30.76
O2 MAN D . -14.42 -6.82 32.90
O3 MAN D . -16.86 -6.19 31.88
O4 MAN D . -16.43 -3.79 30.34
O5 MAN D . -13.04 -5.06 30.85
O6 MAN D . -12.38 -2.47 30.35
C1 MAN D . -14.03 -7.89 33.63
C2 MAN D . -14.74 -8.09 34.96
C3 MAN D . -14.48 -6.80 35.74
C4 MAN D . -12.97 -6.64 36.00
C5 MAN D . -12.20 -6.71 34.70
C6 MAN D . -10.71 -6.85 34.98
O2 MAN D . -14.31 -9.32 35.60
O3 MAN D . -15.21 -6.75 36.95
O4 MAN D . -12.71 -5.35 36.55
O5 MAN D . -12.62 -7.82 33.92
O6 MAN D . -10.06 -6.35 33.82
C1 MAN D . -11.52 -12.70 27.43
C2 MAN D . -13.00 -12.45 27.12
C3 MAN D . -13.84 -13.57 27.73
C4 MAN D . -13.33 -14.93 27.30
C5 MAN D . -11.94 -15.18 27.88
C6 MAN D . -11.20 -16.18 26.97
O2 MAN D . -13.23 -12.27 25.71
O3 MAN D . -15.19 -13.48 27.28
O4 MAN D . -14.24 -15.96 27.74
O5 MAN D . -11.22 -13.94 28.14
O6 MAN D . -10.78 -15.57 25.75
C1 MAN D . -16.11 -13.40 28.38
C2 MAN D . -17.24 -14.36 28.03
C3 MAN D . -18.16 -13.70 26.96
C4 MAN D . -18.43 -12.18 27.14
C5 MAN D . -17.14 -11.44 27.46
C6 MAN D . -17.36 -9.94 27.68
O2 MAN D . -17.89 -14.85 29.24
O3 MAN D . -19.39 -14.45 26.93
O4 MAN D . -19.03 -11.54 26.00
O5 MAN D . -16.56 -12.05 28.63
O6 MAN D . -16.17 -9.40 28.27
C1 NAG E . 30.25 -0.45 1.50
C2 NAG E . 31.62 -0.58 2.16
C3 NAG E . 31.64 -1.73 3.14
C4 NAG E . 30.46 -1.61 4.11
C5 NAG E . 29.13 -1.42 3.35
C6 NAG E . 27.95 -1.20 4.28
C7 NAG E . 33.12 0.23 0.44
C8 NAG E . 34.17 -0.10 -0.58
N2 NAG E . 32.68 -0.79 1.20
O3 NAG E . 32.87 -1.72 3.85
O4 NAG E . 30.34 -2.87 4.75
O5 NAG E . 29.20 -0.32 2.44
O6 NAG E . 26.76 -1.20 3.49
O7 NAG E . 32.70 1.37 0.52
C1 NAG E . 30.48 -2.83 6.14
C2 NAG E . 29.90 -4.13 6.71
C3 NAG E . 29.97 -4.05 8.22
C4 NAG E . 31.37 -3.80 8.67
C5 NAG E . 31.90 -2.50 8.00
C6 NAG E . 33.32 -2.18 8.39
C7 NAG E . 28.08 -4.84 5.23
C8 NAG E . 26.60 -4.77 5.00
N2 NAG E . 28.51 -4.23 6.34
O3 NAG E . 29.51 -5.25 8.78
O4 NAG E . 31.32 -3.67 10.09
O5 NAG E . 31.84 -2.64 6.57
O6 NAG E . 34.10 -3.34 8.05
O7 NAG E . 28.82 -5.41 4.43
C1 BMA E . 32.26 -4.47 10.75
C2 BMA E . 32.10 -4.36 12.24
C3 BMA E . 33.21 -5.24 12.80
C4 BMA E . 33.04 -6.70 12.34
C5 BMA E . 33.03 -6.77 10.81
C6 BMA E . 32.83 -8.19 10.29
O2 BMA E . 30.78 -4.83 12.64
O3 BMA E . 33.28 -5.21 14.22
O4 BMA E . 34.09 -7.57 12.78
O5 BMA E . 32.03 -5.83 10.36
O6 BMA E . 31.76 -8.82 11.01
C1 MAN E . 34.39 -5.09 14.95
C2 MAN E . 34.21 -5.60 16.38
C3 MAN E . 33.43 -4.50 17.06
C4 MAN E . 34.27 -3.20 17.03
C5 MAN E . 34.55 -2.77 15.61
C6 MAN E . 35.46 -1.55 15.60
O2 MAN E . 35.51 -5.88 16.97
O3 MAN E . 32.92 -4.93 18.33
O4 MAN E . 33.49 -2.17 17.55
O5 MAN E . 35.14 -3.87 14.94
O6 MAN E . 35.34 -0.86 14.35
C1 MAN E . 36.13 -7.07 17.07
C2 MAN E . 37.32 -7.12 18.01
C3 MAN E . 38.38 -6.25 17.34
C4 MAN E . 38.68 -6.68 15.92
C5 MAN E . 37.45 -6.99 15.09
C6 MAN E . 37.81 -7.71 13.78
O2 MAN E . 37.77 -8.47 18.19
O3 MAN E . 39.60 -6.29 18.07
O4 MAN E . 39.28 -5.56 15.29
O5 MAN E . 36.54 -7.75 15.88
O6 MAN E . 37.00 -7.21 12.70
C1 MAN E . 30.45 -9.08 10.89
C2 MAN E . 29.21 -9.30 11.80
C3 MAN E . 29.25 -10.72 12.37
C4 MAN E . 29.50 -11.77 11.30
C5 MAN E . 30.89 -11.49 10.76
C6 MAN E . 31.40 -12.46 9.74
O2 MAN E . 27.97 -8.99 11.15
O3 MAN E . 28.08 -11.08 13.12
O4 MAN E . 29.40 -13.05 11.90
O5 MAN E . 30.83 -10.22 10.11
O6 MAN E . 32.79 -12.18 9.72
C1 MAN E . 28.52 -11.27 14.37
C2 MAN E . 27.31 -11.87 15.06
C3 MAN E . 26.31 -10.68 15.26
C4 MAN E . 26.89 -9.51 16.07
C5 MAN E . 28.13 -9.03 15.28
C6 MAN E . 28.92 -7.87 15.88
O2 MAN E . 27.76 -12.62 16.23
O3 MAN E . 25.04 -11.11 15.79
O4 MAN E . 25.89 -8.50 16.31
O5 MAN E . 29.03 -10.16 15.16
O6 MAN E . 28.05 -7.00 16.61
C1 NAG F . -9.30 0.41 -10.27
C2 NAG F . -10.41 1.10 -9.50
C3 NAG F . -11.60 0.15 -9.45
C4 NAG F . -12.02 -0.34 -10.83
C5 NAG F . -10.80 -0.94 -11.54
C6 NAG F . -11.08 -1.39 -12.97
C7 NAG F . -9.01 2.51 -7.99
C8 NAG F . -8.41 2.71 -6.64
N2 NAG F . -9.86 1.48 -8.18
O3 NAG F . -12.78 0.65 -8.81
O4 NAG F . -12.91 -1.42 -10.60
O5 NAG F . -9.72 0.00 -11.54
O6 NAG F . -9.90 -1.95 -13.55
O7 NAG F . -8.65 3.29 -8.87
C1 NAG F . -14.16 -1.31 -11.27
C2 NAG F . -14.80 -2.70 -11.33
C3 NAG F . -16.16 -2.56 -11.99
C4 NAG F . -17.05 -1.58 -11.27
C5 NAG F . -16.29 -0.24 -11.29
C6 NAG F . -17.12 0.87 -10.66
C7 NAG F . -12.98 -4.38 -11.66
C8 NAG F . -12.05 -4.98 -12.68
N2 NAG F . -13.94 -3.56 -12.14
O3 NAG F . -16.85 -3.80 -12.05
O4 NAG F . -18.27 -1.44 -12.00
O5 NAG F . -15.01 -0.37 -10.64
O6 NAG F . -17.39 0.48 -9.32
O7 NAG F . -12.82 -4.58 -10.48
C1 BMA F . -19.45 -1.54 -11.22
C2 BMA F . -20.66 -1.39 -12.12
C3 BMA F . -21.92 -1.49 -11.26
C4 BMA F . -21.89 -2.81 -10.50
C5 BMA F . -20.66 -2.91 -9.64
C6 BMA F . -20.65 -4.26 -8.92
O2 BMA F . -20.61 -2.41 -13.15
O3 BMA F . -23.11 -1.61 -12.03
O4 BMA F . -23.07 -2.98 -9.71
O5 BMA F . -19.54 -2.79 -10.51
O6 BMA F . -20.70 -5.32 -9.90
C1 BMA F . -24.14 -0.71 -11.67
C2 BMA F . -24.42 -0.04 -12.98
C3 BMA F . -25.25 1.13 -12.73
C4 BMA F . -26.59 0.41 -12.29
C5 BMA F . -26.44 -0.52 -11.06
C6 BMA F . -27.68 -1.42 -10.77
O2 BMA F . -25.26 -0.86 -13.84
O3 BMA F . -25.10 1.78 -14.01
O4 BMA F . -27.64 1.33 -11.96
O5 BMA F . -25.33 -1.39 -11.24
O6 BMA F . -28.17 -1.26 -9.43
C1 MAN F . -20.54 -6.54 -10.40
C2 MAN F . -20.78 -7.14 -11.80
C3 MAN F . -22.04 -8.02 -11.83
C4 MAN F . -22.08 -8.90 -10.58
C5 MAN F . -22.25 -7.95 -9.38
C6 MAN F . -22.67 -8.60 -8.03
O2 MAN F . -19.62 -7.86 -12.26
O3 MAN F . -22.12 -8.81 -13.05
O4 MAN F . -23.11 -9.89 -10.68
O5 MAN F . -20.97 -7.32 -9.25
O6 MAN F . -22.87 -7.62 -6.98
C1 NAG G . 1.28 -0.38 0.78
C2 NAG G . 1.50 0.18 -0.63
C3 NAG G . 2.99 0.53 -0.79
C4 NAG G . 3.30 1.56 0.28
C5 NAG G . 3.28 0.77 1.58
C6 NAG G . 3.78 1.54 2.78
C7 NAG G . -0.05 -0.69 -2.42
C8 NAG G . -0.24 -1.83 -3.37
N2 NAG G . 1.05 -0.79 -1.64
O3 NAG G . 3.31 1.01 -2.10
O4 NAG G . 4.54 2.26 0.09
O5 NAG G . 1.93 0.40 1.79
O6 NAG G . 3.27 2.87 2.63
O7 NAG G . -0.84 0.25 -2.37
CU CU H . -11.01 11.05 21.06
C1 NAG I . 20.31 10.75 -11.52
C2 NAG I . 19.31 11.65 -12.24
C3 NAG I . 19.85 12.36 -13.49
C4 NAG I . 21.33 12.76 -13.38
C5 NAG I . 22.16 11.80 -12.56
C6 NAG I . 23.48 12.49 -12.23
C7 NAG I . 16.88 11.25 -12.42
C8 NAG I . 15.83 10.38 -13.08
N2 NAG I . 18.14 10.84 -12.60
O3 NAG I . 19.07 13.55 -13.75
O4 NAG I . 21.94 12.93 -14.66
O5 NAG I . 21.51 11.47 -11.34
O6 NAG I . 24.33 11.57 -11.56
O7 NAG I . 16.61 12.28 -11.83
CU CU J . 32.46 14.45 11.16
C1 NAG K . 8.97 3.36 -15.17
C2 NAG K . 10.46 3.63 -15.37
C3 NAG K . 11.19 3.87 -14.06
C4 NAG K . 10.40 4.72 -13.07
C5 NAG K . 8.95 4.30 -12.91
C6 NAG K . 8.31 5.42 -12.07
C7 NAG K . 11.34 1.32 -15.75
C8 NAG K . 12.22 0.49 -16.65
N2 NAG K . 11.14 2.59 -16.15
O3 NAG K . 12.40 4.55 -14.39
O4 NAG K . 11.00 4.70 -11.76
O5 NAG K . 8.28 4.13 -14.18
O6 NAG K . 7.41 6.20 -12.87
O7 NAG K . 10.88 0.87 -14.70
CU CU L . -14.21 14.55 -19.97
C ACT M . -5.18 19.27 -21.18
O ACT M . -4.93 18.71 -22.27
OXT ACT M . -6.32 19.65 -20.84
CH3 ACT M . -4.01 19.48 -20.20
#